data_4RO2
#
_entry.id   4RO2
#
_cell.length_a   67.696
_cell.length_b   91.045
_cell.length_c   67.622
_cell.angle_alpha   90.00
_cell.angle_beta   90.00
_cell.angle_gamma   90.00
#
_symmetry.space_group_name_H-M   'P 2 2 21'
#
loop_
_entity.id
_entity.type
_entity.pdbx_description
1 polymer 'Potassium channel protein'
2 non-polymer 'methylammonium ion'
3 non-polymer GLYCINE
4 non-polymer (4S)-2-METHYL-2,4-PENTANEDIOL
5 water water
#
_entity_poly.entity_id   1
_entity_poly.type   'polypeptide(L)'
_entity_poly.pdbx_seq_one_letter_code
;MAKDKEFQVLFVLTILTLISGTIFYSTVEGLRPIDALYFSVVTLTTVGETPPPQTDFGKIFTILYIFIGIGLVFGFIHKL
AVNVQLPSILSNLVPR
;
_entity_poly.pdbx_strand_id   A,B,C,D
#
loop_
_chem_comp.id
_chem_comp.type
_chem_comp.name
_chem_comp.formula
3P8 non-polymer 'methylammonium ion' 'C H6 N 1'
MPD non-polymer (4S)-2-METHYL-2,4-PENTANEDIOL 'C6 H14 O2'
#
# COMPACT_ATOMS: atom_id res chain seq x y z
N ASP A 4 -22.60 13.58 -28.93
CA ASP A 4 -21.13 13.68 -29.07
C ASP A 4 -20.61 12.57 -30.00
N LYS A 5 -20.41 11.39 -29.43
CA LYS A 5 -19.38 10.47 -29.86
C LYS A 5 -18.64 10.08 -28.59
N GLU A 6 -18.18 11.10 -27.88
CA GLU A 6 -17.70 10.92 -26.52
C GLU A 6 -18.77 10.38 -25.62
N PHE A 7 -20.00 10.91 -25.71
CA PHE A 7 -21.05 10.47 -24.80
C PHE A 7 -21.37 9.04 -25.11
N GLN A 8 -21.53 8.74 -26.39
CA GLN A 8 -21.88 7.37 -26.80
C GLN A 8 -20.79 6.37 -26.39
N VAL A 9 -19.54 6.66 -26.76
CA VAL A 9 -18.41 5.80 -26.34
C VAL A 9 -18.40 5.57 -24.82
N LEU A 10 -18.53 6.66 -24.06
CA LEU A 10 -18.66 6.61 -22.60
C LEU A 10 -19.81 5.71 -22.20
N PHE A 11 -20.97 5.94 -22.80
CA PHE A 11 -22.14 5.09 -22.49
C PHE A 11 -21.86 3.63 -22.78
N VAL A 12 -21.21 3.34 -23.90
CA VAL A 12 -20.89 1.90 -24.26
C VAL A 12 -19.89 1.29 -23.30
N LEU A 13 -18.84 2.06 -23.02
CA LEU A 13 -17.85 1.61 -22.06
C LEU A 13 -18.47 1.24 -20.72
N THR A 14 -19.42 2.05 -20.27
CA THR A 14 -20.11 1.81 -19.01
C THR A 14 -20.91 0.53 -19.12
N ILE A 15 -21.79 0.49 -20.11
CA ILE A 15 -22.58 -0.71 -20.34
C ILE A 15 -21.71 -1.95 -20.32
N LEU A 16 -20.59 -1.91 -21.05
CA LEU A 16 -19.66 -3.05 -21.09
C LEU A 16 -19.21 -3.44 -19.68
N THR A 17 -18.69 -2.45 -18.96
CA THR A 17 -18.19 -2.63 -17.59
C THR A 17 -19.24 -3.25 -16.70
N LEU A 18 -20.46 -2.72 -16.77
CA LEU A 18 -21.59 -3.26 -16.00
C LEU A 18 -21.94 -4.70 -16.39
N ILE A 19 -21.94 -4.98 -17.69
CA ILE A 19 -22.22 -6.35 -18.18
C ILE A 19 -21.16 -7.32 -17.64
N SER A 20 -19.92 -6.93 -17.74
CA SER A 20 -18.85 -7.78 -17.20
C SER A 20 -19.06 -8.06 -15.72
N GLY A 21 -19.38 -7.02 -14.96
CA GLY A 21 -19.69 -7.16 -13.54
C GLY A 21 -20.87 -8.11 -13.35
N THR A 22 -21.92 -7.87 -14.12
CA THR A 22 -23.13 -8.69 -14.02
C THR A 22 -22.83 -10.16 -14.24
N ILE A 23 -22.09 -10.45 -15.31
CA ILE A 23 -21.68 -11.82 -15.61
C ILE A 23 -20.87 -12.35 -14.44
N PHE A 24 -19.83 -11.62 -14.04
CA PHE A 24 -18.94 -12.08 -12.96
C PHE A 24 -19.71 -12.39 -11.68
N TYR A 25 -20.43 -11.41 -11.13
CA TYR A 25 -21.06 -11.61 -9.82
C TYR A 25 -22.16 -12.66 -9.89
N SER A 26 -22.87 -12.70 -11.02
CA SER A 26 -23.88 -13.74 -11.25
C SER A 26 -23.24 -15.13 -11.27
N THR A 27 -22.14 -15.29 -11.99
CA THR A 27 -21.43 -16.58 -12.03
C THR A 27 -20.77 -16.92 -10.68
N VAL A 28 -19.81 -16.10 -10.25
CA VAL A 28 -18.95 -16.42 -9.09
C VAL A 28 -19.66 -16.31 -7.74
N GLU A 29 -20.41 -15.23 -7.53
CA GLU A 29 -21.12 -15.04 -6.26
C GLU A 29 -22.51 -15.69 -6.27
N GLY A 30 -22.86 -16.34 -7.37
CA GLY A 30 -24.13 -17.04 -7.50
C GLY A 30 -25.35 -16.12 -7.43
N LEU A 31 -25.18 -14.87 -7.85
CA LEU A 31 -26.25 -13.88 -7.74
C LEU A 31 -27.15 -13.96 -8.97
N ARG A 32 -28.44 -13.74 -8.77
CA ARG A 32 -29.36 -13.56 -9.87
C ARG A 32 -28.82 -12.40 -10.67
N PRO A 33 -28.95 -12.44 -12.00
CA PRO A 33 -28.40 -11.34 -12.80
C PRO A 33 -28.85 -9.94 -12.37
N ILE A 34 -30.10 -9.78 -11.96
CA ILE A 34 -30.57 -8.46 -11.56
C ILE A 34 -29.83 -7.98 -10.29
N ASP A 35 -29.56 -8.92 -9.38
CA ASP A 35 -28.79 -8.64 -8.17
C ASP A 35 -27.31 -8.43 -8.46
N ALA A 36 -26.81 -9.14 -9.45
CA ALA A 36 -25.43 -9.00 -9.90
C ALA A 36 -25.23 -7.63 -10.54
N LEU A 37 -26.11 -7.27 -11.47
CA LEU A 37 -26.12 -5.93 -12.06
C LEU A 37 -26.16 -4.80 -11.02
N TYR A 38 -27.04 -4.95 -10.04
CA TYR A 38 -27.25 -3.92 -9.01
C TYR A 38 -25.98 -3.73 -8.18
N PHE A 39 -25.42 -4.83 -7.70
CA PHE A 39 -24.15 -4.79 -6.98
C PHE A 39 -23.10 -4.00 -7.76
N SER A 40 -23.01 -4.29 -9.05
CA SER A 40 -22.02 -3.66 -9.92
C SER A 40 -22.22 -2.16 -9.94
N VAL A 41 -23.48 -1.74 -10.12
CA VAL A 41 -23.89 -0.31 -10.18
C VAL A 41 -23.63 0.46 -8.88
N VAL A 42 -24.13 -0.07 -7.75
CA VAL A 42 -23.97 0.61 -6.47
C VAL A 42 -22.52 0.57 -5.96
N THR A 43 -21.75 -0.38 -6.47
CA THR A 43 -20.36 -0.49 -6.06
C THR A 43 -19.49 0.54 -6.78
N LEU A 44 -19.61 0.59 -8.09
CA LEU A 44 -18.83 1.53 -8.90
C LEU A 44 -19.19 2.98 -8.66
N THR A 45 -20.49 3.27 -8.51
CA THR A 45 -20.98 4.60 -8.19
C THR A 45 -20.79 4.90 -6.70
N THR A 46 -20.26 3.93 -5.97
CA THR A 46 -19.93 4.07 -4.54
C THR A 46 -21.07 4.18 -3.59
N VAL A 47 -22.31 4.17 -4.04
CA VAL A 47 -23.51 4.08 -3.16
C VAL A 47 -23.25 3.15 -1.95
N GLY A 48 -22.35 2.19 -1.96
CA GLY A 48 -22.56 0.86 -2.40
C GLY A 48 -23.14 0.28 -1.10
N GLU A 49 -24.46 0.08 -1.06
CA GLU A 49 -25.22 -0.31 0.10
C GLU A 49 -25.79 -1.74 0.08
N THR A 50 -24.90 -2.71 0.00
CA THR A 50 -25.30 -4.10 0.18
C THR A 50 -24.19 -4.75 0.99
N PRO A 51 -24.42 -5.98 1.45
CA PRO A 51 -23.32 -6.71 2.06
C PRO A 51 -22.17 -6.87 1.09
N PRO A 52 -20.95 -7.14 1.60
CA PRO A 52 -19.80 -7.34 0.71
C PRO A 52 -19.83 -8.70 0.01
N PRO A 53 -18.98 -8.89 -1.01
CA PRO A 53 -18.81 -10.21 -1.65
C PRO A 53 -18.40 -11.27 -0.65
N GLN A 54 -18.90 -12.48 -0.84
CA GLN A 54 -18.61 -13.61 0.07
C GLN A 54 -17.42 -14.48 -0.32
N THR A 55 -16.97 -14.38 -1.56
CA THR A 55 -15.84 -15.19 -2.03
C THR A 55 -14.57 -14.33 -2.13
N ASP A 56 -13.44 -14.97 -1.88
CA ASP A 56 -12.14 -14.27 -1.94
C ASP A 56 -11.89 -13.79 -3.36
N PHE A 57 -12.34 -14.59 -4.30
CA PHE A 57 -12.21 -14.25 -5.73
C PHE A 57 -13.10 -13.05 -6.05
N GLY A 58 -14.29 -13.03 -5.47
CA GLY A 58 -15.18 -11.86 -5.56
C GLY A 58 -14.54 -10.62 -4.94
N LYS A 59 -13.90 -10.80 -3.81
CA LYS A 59 -13.22 -9.69 -3.11
C LYS A 59 -12.07 -9.12 -3.92
N ILE A 60 -11.19 -9.99 -4.41
CA ILE A 60 -10.09 -9.53 -5.26
C ILE A 60 -10.63 -8.81 -6.50
N PHE A 61 -11.46 -9.52 -7.27
CA PHE A 61 -12.07 -8.91 -8.47
C PHE A 61 -12.68 -7.55 -8.14
N THR A 62 -13.53 -7.49 -7.12
CA THR A 62 -14.24 -6.27 -6.77
C THR A 62 -13.23 -5.14 -6.51
N ILE A 63 -12.12 -5.46 -5.86
CA ILE A 63 -11.07 -4.48 -5.65
C ILE A 63 -10.55 -3.89 -6.98
N LEU A 64 -10.13 -4.77 -7.90
CA LEU A 64 -9.68 -4.30 -9.22
C LEU A 64 -10.82 -3.60 -9.97
N TYR A 65 -12.01 -4.18 -9.88
CA TYR A 65 -13.20 -3.60 -10.52
C TYR A 65 -13.40 -2.13 -10.11
N ILE A 66 -13.35 -1.88 -8.79
CA ILE A 66 -13.53 -0.54 -8.25
C ILE A 66 -12.55 0.48 -8.83
N PHE A 67 -11.27 0.14 -8.91
CA PHE A 67 -10.24 1.10 -9.38
C PHE A 67 -10.29 1.36 -10.87
N ILE A 68 -10.55 0.30 -11.61
CA ILE A 68 -10.70 0.36 -13.08
C ILE A 68 -12.03 1.00 -13.51
N GLY A 69 -13.09 0.72 -12.76
CA GLY A 69 -14.44 1.15 -13.13
C GLY A 69 -14.95 2.52 -12.63
N ILE A 70 -14.58 2.92 -11.42
CA ILE A 70 -15.12 4.18 -10.85
C ILE A 70 -14.94 5.35 -11.81
N GLY A 71 -13.69 5.54 -12.25
CA GLY A 71 -13.33 6.61 -13.16
C GLY A 71 -14.23 6.66 -14.39
N LEU A 72 -14.45 5.52 -15.01
CA LEU A 72 -15.26 5.47 -16.22
C LEU A 72 -16.69 5.88 -15.90
N VAL A 73 -17.26 5.22 -14.90
CA VAL A 73 -18.61 5.51 -14.46
C VAL A 73 -18.84 7.01 -14.19
N PHE A 74 -17.94 7.62 -13.42
CA PHE A 74 -18.10 9.03 -13.07
C PHE A 74 -17.85 9.94 -14.27
N GLY A 75 -16.92 9.57 -15.14
CA GLY A 75 -16.75 10.29 -16.41
C GLY A 75 -18.04 10.26 -17.24
N PHE A 76 -18.73 9.12 -17.19
CA PHE A 76 -20.02 8.97 -17.88
C PHE A 76 -21.08 9.86 -17.26
N ILE A 77 -21.28 9.69 -15.95
CA ILE A 77 -22.21 10.52 -15.18
C ILE A 77 -21.90 12.00 -15.37
N HIS A 78 -20.62 12.32 -15.44
CA HIS A 78 -20.20 13.71 -15.68
C HIS A 78 -20.61 14.19 -17.06
N LYS A 79 -20.32 13.38 -18.08
CA LYS A 79 -20.65 13.75 -19.49
C LYS A 79 -22.16 13.76 -19.73
N LEU A 80 -22.83 12.74 -19.19
CA LEU A 80 -24.30 12.68 -19.18
C LEU A 80 -24.90 14.00 -18.68
N ALA A 81 -24.38 14.44 -17.53
CA ALA A 81 -24.88 15.60 -16.84
C ALA A 81 -24.56 16.85 -17.62
N VAL A 82 -23.30 17.00 -17.98
CA VAL A 82 -22.80 18.23 -18.59
C VAL A 82 -23.19 18.45 -20.07
N ASN A 83 -23.53 17.37 -20.75
CA ASN A 83 -23.75 17.41 -22.21
C ASN A 83 -25.06 16.82 -22.68
N VAL A 84 -25.72 16.09 -21.79
CA VAL A 84 -27.06 15.59 -22.08
C VAL A 84 -28.12 16.23 -21.19
N GLN A 85 -27.94 16.23 -19.88
CA GLN A 85 -28.97 16.73 -18.94
C GLN A 85 -29.05 18.24 -18.95
N LEU A 86 -27.91 18.91 -18.90
CA LEU A 86 -27.86 20.38 -18.86
C LEU A 86 -28.60 21.01 -20.07
N PRO A 87 -28.23 20.65 -21.32
CA PRO A 87 -28.97 21.18 -22.48
C PRO A 87 -30.48 20.86 -22.48
N SER A 88 -30.88 19.80 -21.79
CA SER A 88 -32.18 19.19 -21.99
C SER A 88 -33.19 18.84 -20.89
N ILE A 89 -33.61 19.69 -19.91
CA ILE A 89 -32.79 20.54 -19.00
C ILE A 89 -32.84 22.07 -19.02
N LEU A 90 -31.98 22.68 -19.85
CA LEU A 90 -31.90 24.14 -20.07
C LEU A 90 -33.15 24.63 -20.80
N SER A 91 -33.25 24.41 -22.10
CA SER A 91 -34.56 24.49 -22.71
C SER A 91 -35.36 23.35 -22.11
N ASN A 92 -36.64 23.61 -21.94
CA ASN A 92 -37.36 23.22 -20.72
C ASN A 92 -37.62 24.50 -19.94
N LEU A 93 -36.73 25.49 -20.09
CA LEU A 93 -36.85 26.80 -19.47
C LEU A 93 -36.97 27.91 -20.51
N VAL A 94 -36.67 27.57 -21.76
CA VAL A 94 -36.96 28.42 -22.90
C VAL A 94 -38.46 28.73 -22.87
N PRO A 95 -38.84 30.00 -22.70
CA PRO A 95 -40.26 30.36 -22.79
C PRO A 95 -40.71 30.50 -24.23
N LYS B 5 4.48 11.64 -14.85
CA LYS B 5 4.23 10.39 -14.07
C LYS B 5 5.13 10.31 -12.82
N GLU B 6 4.78 10.87 -11.67
CA GLU B 6 3.41 11.28 -11.19
C GLU B 6 2.39 10.14 -11.02
N PHE B 7 2.08 9.41 -12.09
CA PHE B 7 1.18 8.28 -11.99
C PHE B 7 1.81 7.25 -11.11
N GLN B 8 3.08 6.95 -11.36
CA GLN B 8 3.81 5.95 -10.59
C GLN B 8 3.86 6.31 -9.09
N VAL B 9 4.33 7.52 -8.80
CA VAL B 9 4.33 8.00 -7.41
C VAL B 9 2.97 7.87 -6.74
N LEU B 10 1.92 8.34 -7.46
CA LEU B 10 0.52 8.16 -7.04
C LEU B 10 0.20 6.71 -6.79
N PHE B 11 0.57 5.85 -7.74
CA PHE B 11 0.33 4.40 -7.58
C PHE B 11 1.04 3.83 -6.37
N VAL B 12 2.27 4.25 -6.14
CA VAL B 12 3.04 3.77 -4.95
C VAL B 12 2.43 4.26 -3.65
N LEU B 13 2.11 5.53 -3.63
CA LEU B 13 1.50 6.13 -2.46
C LEU B 13 0.25 5.38 -2.05
N THR B 14 -0.54 5.02 -3.06
CA THR B 14 -1.78 4.28 -2.83
C THR B 14 -1.43 2.91 -2.25
N ILE B 15 -0.61 2.17 -2.97
CA ILE B 15 -0.17 0.85 -2.48
C ILE B 15 0.26 0.92 -1.01
N LEU B 16 1.10 1.90 -0.71
CA LEU B 16 1.61 2.09 0.67
C LEU B 16 0.43 2.24 1.64
N THR B 17 -0.48 3.16 1.32
CA THR B 17 -1.65 3.45 2.13
C THR B 17 -2.51 2.23 2.37
N LEU B 18 -2.78 1.50 1.30
CA LEU B 18 -3.50 0.24 1.39
C LEU B 18 -2.79 -0.84 2.23
N ILE B 19 -1.47 -0.96 2.07
CA ILE B 19 -0.67 -1.90 2.89
C ILE B 19 -0.76 -1.55 4.36
N SER B 20 -0.59 -0.28 4.67
CA SER B 20 -0.72 0.15 6.07
C SER B 20 -2.11 -0.20 6.64
N GLY B 21 -3.14 0.07 5.86
CA GLY B 21 -4.51 -0.33 6.25
C GLY B 21 -4.58 -1.84 6.45
N THR B 22 -4.05 -2.58 5.47
CA THR B 22 -4.13 -4.07 5.49
C THR B 22 -3.47 -4.61 6.74
N ILE B 23 -2.29 -4.12 7.05
CA ILE B 23 -1.58 -4.49 8.29
C ILE B 23 -2.41 -4.11 9.52
N PHE B 24 -2.85 -2.84 9.58
CA PHE B 24 -3.65 -2.39 10.74
C PHE B 24 -4.91 -3.22 10.96
N TYR B 25 -5.80 -3.29 9.98
CA TYR B 25 -7.09 -3.96 10.20
C TYR B 25 -6.90 -5.45 10.45
N SER B 26 -5.92 -6.04 9.77
CA SER B 26 -5.55 -7.44 9.99
C SER B 26 -5.11 -7.68 11.43
N THR B 27 -4.21 -6.83 11.92
CA THR B 27 -3.74 -6.93 13.31
C THR B 27 -4.83 -6.58 14.34
N VAL B 28 -5.31 -5.34 14.32
CA VAL B 28 -6.20 -4.82 15.36
C VAL B 28 -7.63 -5.37 15.32
N GLU B 29 -8.23 -5.42 14.13
CA GLU B 29 -9.61 -5.93 13.98
C GLU B 29 -9.65 -7.45 13.78
N GLY B 30 -8.46 -8.06 13.76
CA GLY B 30 -8.37 -9.52 13.63
C GLY B 30 -8.87 -10.04 12.29
N LEU B 31 -8.76 -9.21 11.26
CA LEU B 31 -9.25 -9.60 9.95
C LEU B 31 -8.20 -10.38 9.19
N ARG B 32 -8.64 -11.35 8.39
CA ARG B 32 -7.79 -12.01 7.41
C ARG B 32 -7.24 -10.91 6.52
N PRO B 33 -5.98 -11.03 6.08
CA PRO B 33 -5.43 -9.95 5.25
C PRO B 33 -6.28 -9.57 4.02
N ILE B 34 -6.90 -10.55 3.35
CA ILE B 34 -7.71 -10.23 2.17
C ILE B 34 -8.93 -9.38 2.57
N ASP B 35 -9.50 -9.66 3.76
CA ASP B 35 -10.61 -8.88 4.30
C ASP B 35 -10.16 -7.53 4.82
N ALA B 36 -8.94 -7.48 5.35
CA ALA B 36 -8.34 -6.22 5.81
C ALA B 36 -8.06 -5.31 4.62
N LEU B 37 -7.41 -5.85 3.60
CA LEU B 37 -7.19 -5.10 2.33
C LEU B 37 -8.49 -4.55 1.74
N TYR B 38 -9.52 -5.39 1.70
CA TYR B 38 -10.80 -5.03 1.10
C TYR B 38 -11.45 -3.88 1.87
N PHE B 39 -11.54 -4.03 3.18
CA PHE B 39 -12.05 -2.93 4.01
C PHE B 39 -11.35 -1.61 3.69
N SER B 40 -10.03 -1.67 3.57
CA SER B 40 -9.23 -0.48 3.34
C SER B 40 -9.66 0.17 2.03
N VAL B 41 -9.79 -0.66 0.99
CA VAL B 41 -10.18 -0.23 -0.37
C VAL B 41 -11.58 0.38 -0.44
N VAL B 42 -12.57 -0.37 0.07
CA VAL B 42 -13.96 0.10 0.00
C VAL B 42 -14.22 1.29 0.93
N THR B 43 -13.38 1.43 1.93
CA THR B 43 -13.51 2.55 2.84
C THR B 43 -12.97 3.84 2.22
N LEU B 44 -11.76 3.79 1.70
CA LEU B 44 -11.10 4.98 1.14
C LEU B 44 -11.75 5.47 -0.12
N THR B 45 -12.19 4.53 -0.95
CA THR B 45 -12.95 4.84 -2.17
C THR B 45 -14.41 5.12 -1.86
N THR B 46 -14.78 5.03 -0.60
CA THR B 46 -16.14 5.38 -0.10
C THR B 46 -17.26 4.44 -0.51
N VAL B 47 -16.99 3.40 -1.31
CA VAL B 47 -17.96 2.31 -1.57
C VAL B 47 -18.60 1.85 -0.26
N GLY B 48 -17.92 2.09 0.82
CA GLY B 48 -18.08 1.33 2.07
C GLY B 48 -19.29 0.45 2.31
N GLU B 49 -19.23 -0.78 1.80
CA GLU B 49 -20.27 -1.79 2.03
C GLU B 49 -19.81 -2.95 2.94
N THR B 50 -19.38 -2.60 4.14
CA THR B 50 -18.94 -3.60 5.11
C THR B 50 -19.50 -3.17 6.43
N PRO B 51 -19.67 -4.09 7.39
CA PRO B 51 -19.94 -3.55 8.72
C PRO B 51 -18.83 -2.63 9.17
N PRO B 52 -19.11 -1.75 10.13
CA PRO B 52 -18.06 -0.86 10.63
C PRO B 52 -17.04 -1.60 11.49
N PRO B 53 -15.86 -0.98 11.72
CA PRO B 53 -14.91 -1.49 12.73
C PRO B 53 -15.55 -1.73 14.09
N GLN B 54 -15.12 -2.81 14.75
CA GLN B 54 -15.63 -3.21 16.07
C GLN B 54 -14.86 -2.62 17.27
N THR B 55 -13.64 -2.17 17.05
CA THR B 55 -12.80 -1.65 18.15
C THR B 55 -12.76 -0.12 18.10
N ASP B 56 -12.66 0.50 19.27
CA ASP B 56 -12.57 1.97 19.36
C ASP B 56 -11.30 2.46 18.68
N PHE B 57 -10.25 1.68 18.81
CA PHE B 57 -8.97 1.98 18.17
C PHE B 57 -9.13 1.89 16.65
N GLY B 58 -9.88 0.89 16.19
CA GLY B 58 -10.22 0.77 14.77
C GLY B 58 -11.01 1.97 14.30
N LYS B 59 -11.96 2.39 15.13
CA LYS B 59 -12.83 3.53 14.79
C LYS B 59 -12.04 4.83 14.68
N ILE B 60 -11.20 5.09 15.67
CA ILE B 60 -10.36 6.28 15.64
C ILE B 60 -9.44 6.23 14.42
N PHE B 61 -8.62 5.19 14.32
CA PHE B 61 -7.73 5.00 13.15
C PHE B 61 -8.48 5.20 11.83
N THR B 62 -9.59 4.50 11.66
CA THR B 62 -10.36 4.60 10.42
C THR B 62 -10.76 6.05 10.13
N ILE B 63 -11.12 6.80 11.17
CA ILE B 63 -11.44 8.22 10.99
C ILE B 63 -10.25 8.99 10.39
N LEU B 64 -9.09 8.88 11.01
CA LEU B 64 -7.88 9.54 10.48
C LEU B 64 -7.52 8.98 9.10
N TYR B 65 -7.64 7.67 8.95
CA TYR B 65 -7.36 6.99 7.68
C TYR B 65 -8.17 7.60 6.52
N ILE B 66 -9.47 7.76 6.74
CA ILE B 66 -10.37 8.33 5.74
C ILE B 66 -9.93 9.73 5.28
N PHE B 67 -9.58 10.62 6.21
CA PHE B 67 -9.22 12.02 5.83
C PHE B 67 -7.86 12.15 5.15
N ILE B 68 -6.91 11.37 5.64
CA ILE B 68 -5.57 11.28 5.07
C ILE B 68 -5.56 10.52 3.72
N GLY B 69 -6.39 9.47 3.61
CA GLY B 69 -6.34 8.57 2.45
C GLY B 69 -7.25 8.85 1.25
N ILE B 70 -8.46 9.35 1.48
CA ILE B 70 -9.40 9.58 0.37
C ILE B 70 -8.77 10.39 -0.75
N GLY B 71 -8.21 11.54 -0.39
CA GLY B 71 -7.58 12.46 -1.36
C GLY B 71 -6.56 11.78 -2.25
N LEU B 72 -5.68 10.99 -1.64
CA LEU B 72 -4.68 10.28 -2.38
C LEU B 72 -5.31 9.28 -3.34
N VAL B 73 -6.17 8.44 -2.80
CA VAL B 73 -6.88 7.45 -3.59
C VAL B 73 -7.55 8.07 -4.83
N PHE B 74 -8.29 9.14 -4.62
CA PHE B 74 -9.05 9.75 -5.72
C PHE B 74 -8.14 10.47 -6.70
N GLY B 75 -7.07 11.05 -6.19
CA GLY B 75 -6.00 11.61 -7.06
C GLY B 75 -5.40 10.52 -7.97
N PHE B 76 -5.23 9.32 -7.41
CA PHE B 76 -4.77 8.16 -8.15
C PHE B 76 -5.77 7.73 -9.21
N ILE B 77 -7.00 7.45 -8.77
CA ILE B 77 -8.11 7.11 -9.69
C ILE B 77 -8.28 8.17 -10.76
N HIS B 78 -8.11 9.43 -10.38
CA HIS B 78 -8.20 10.54 -11.35
C HIS B 78 -7.09 10.46 -12.38
N LYS B 79 -5.86 10.30 -11.91
CA LYS B 79 -4.66 10.25 -12.77
C LYS B 79 -4.65 8.99 -13.64
N LEU B 80 -4.99 7.86 -13.01
CA LEU B 80 -5.21 6.58 -13.71
C LEU B 80 -6.12 6.79 -14.91
N ALA B 81 -7.24 7.46 -14.64
CA ALA B 81 -8.31 7.62 -15.64
C ALA B 81 -7.86 8.57 -16.72
N VAL B 82 -7.38 9.73 -16.30
CA VAL B 82 -7.07 10.82 -17.26
C VAL B 82 -5.78 10.60 -18.08
N ASN B 83 -4.91 9.74 -17.60
CA ASN B 83 -3.56 9.64 -18.12
C ASN B 83 -3.14 8.22 -18.47
N VAL B 84 -3.87 7.24 -17.96
CA VAL B 84 -3.65 5.86 -18.33
C VAL B 84 -4.83 5.29 -19.14
N GLN B 85 -6.06 5.44 -18.64
CA GLN B 85 -7.23 4.79 -19.30
C GLN B 85 -7.64 5.50 -20.57
N LEU B 86 -7.67 6.81 -20.52
CA LEU B 86 -8.07 7.62 -21.67
C LEU B 86 -7.16 7.34 -22.90
N PRO B 87 -5.84 7.45 -22.77
CA PRO B 87 -4.95 7.12 -23.91
C PRO B 87 -5.01 5.68 -24.42
N SER B 88 -5.31 4.73 -23.54
CA SER B 88 -5.46 3.36 -23.97
C SER B 88 -6.76 3.19 -24.77
N ILE B 89 -7.84 3.72 -24.20
CA ILE B 89 -9.15 3.71 -24.84
C ILE B 89 -9.12 4.45 -26.17
N LEU B 90 -8.41 5.57 -26.19
CA LEU B 90 -8.25 6.37 -27.40
C LEU B 90 -7.52 5.54 -28.47
N SER B 91 -6.35 5.02 -28.14
CA SER B 91 -5.55 4.18 -29.05
C SER B 91 -6.36 3.05 -29.66
N ASN B 92 -7.21 2.45 -28.83
CA ASN B 92 -7.96 1.26 -29.21
C ASN B 92 -9.19 1.56 -30.11
N LEU B 93 -9.28 2.81 -30.56
CA LEU B 93 -10.31 3.33 -31.43
C LEU B 93 -9.72 3.86 -32.72
N VAL B 94 -8.40 4.04 -32.74
CA VAL B 94 -7.67 4.29 -33.99
C VAL B 94 -7.96 3.12 -34.97
N PRO B 95 -8.65 3.39 -36.09
CA PRO B 95 -8.76 2.35 -37.08
C PRO B 95 -7.61 2.46 -38.03
N PHE C 7 8.21 -22.94 4.58
CA PHE C 7 9.28 -22.94 3.53
C PHE C 7 8.80 -22.27 2.26
N GLN C 8 7.64 -22.75 1.78
CA GLN C 8 6.75 -21.96 0.95
C GLN C 8 6.14 -20.96 1.93
N VAL C 9 5.26 -20.08 1.47
CA VAL C 9 4.53 -19.12 2.33
C VAL C 9 5.50 -18.06 2.84
N LEU C 10 6.76 -18.47 3.01
CA LEU C 10 7.84 -17.58 3.34
C LEU C 10 8.37 -17.07 2.01
N PHE C 11 8.72 -18.03 1.15
CA PHE C 11 9.02 -17.77 -0.27
C PHE C 11 7.76 -17.38 -1.05
N VAL C 12 7.05 -16.37 -0.55
CA VAL C 12 5.92 -15.75 -1.24
C VAL C 12 5.81 -14.40 -0.59
N LEU C 13 5.66 -14.41 0.73
CA LEU C 13 5.74 -13.20 1.49
C LEU C 13 7.08 -12.53 1.25
N THR C 14 8.17 -13.30 1.10
CA THR C 14 9.50 -12.76 0.77
C THR C 14 9.49 -12.14 -0.64
N ILE C 15 9.16 -12.95 -1.63
CA ILE C 15 9.06 -12.48 -3.03
C ILE C 15 8.16 -11.20 -3.08
N LEU C 16 7.04 -11.21 -2.39
CA LEU C 16 6.17 -10.02 -2.33
C LEU C 16 6.91 -8.82 -1.79
N THR C 17 7.53 -9.00 -0.62
CA THR C 17 8.25 -7.95 0.06
C THR C 17 9.30 -7.34 -0.87
N LEU C 18 10.07 -8.22 -1.53
CA LEU C 18 11.11 -7.78 -2.48
C LEU C 18 10.54 -7.05 -3.71
N ILE C 19 9.42 -7.54 -4.23
CA ILE C 19 8.71 -6.86 -5.34
C ILE C 19 8.26 -5.47 -4.91
N SER C 20 7.65 -5.38 -3.75
CA SER C 20 7.22 -4.07 -3.25
C SER C 20 8.40 -3.10 -3.14
N GLY C 21 9.50 -3.58 -2.57
CA GLY C 21 10.73 -2.81 -2.50
C GLY C 21 11.21 -2.41 -3.88
N THR C 22 11.25 -3.38 -4.80
CA THR C 22 11.68 -3.13 -6.17
C THR C 22 10.87 -2.04 -6.84
N ILE C 23 9.55 -2.14 -6.74
CA ILE C 23 8.68 -1.13 -7.28
C ILE C 23 8.98 0.21 -6.61
N PHE C 24 8.96 0.24 -5.28
CA PHE C 24 9.17 1.50 -4.56
C PHE C 24 10.49 2.17 -4.95
N TYR C 25 11.62 1.47 -4.78
CA TYR C 25 12.91 2.15 -5.00
C TYR C 25 13.09 2.55 -6.45
N SER C 26 12.58 1.70 -7.34
CA SER C 26 12.57 1.98 -8.78
C SER C 26 11.80 3.25 -9.09
N THR C 27 10.58 3.34 -8.56
CA THR C 27 9.78 4.55 -8.74
C THR C 27 10.36 5.79 -8.02
N VAL C 28 10.44 5.73 -6.69
CA VAL C 28 10.78 6.93 -5.86
C VAL C 28 12.24 7.36 -5.91
N GLU C 29 13.16 6.40 -5.81
CA GLU C 29 14.60 6.70 -5.90
C GLU C 29 15.12 6.71 -7.35
N GLY C 30 14.24 6.46 -8.31
CA GLY C 30 14.60 6.49 -9.74
C GLY C 30 15.60 5.42 -10.13
N LEU C 31 15.58 4.29 -9.43
CA LEU C 31 16.55 3.24 -9.68
C LEU C 31 16.04 2.33 -10.77
N ARG C 32 16.97 1.80 -11.57
CA ARG C 32 16.66 0.72 -12.49
C ARG C 32 16.12 -0.42 -11.65
N PRO C 33 15.14 -1.18 -12.16
CA PRO C 33 14.59 -2.27 -11.35
C PRO C 33 15.63 -3.23 -10.80
N ILE C 34 16.66 -3.55 -11.55
CA ILE C 34 17.68 -4.49 -11.04
C ILE C 34 18.43 -3.89 -9.84
N ASP C 35 18.68 -2.58 -9.90
CA ASP C 35 19.29 -1.85 -8.78
C ASP C 35 18.36 -1.65 -7.63
N ALA C 36 17.06 -1.50 -7.94
CA ALA C 36 16.02 -1.39 -6.90
C ALA C 36 15.86 -2.70 -6.16
N LEU C 37 15.73 -3.79 -6.90
CA LEU C 37 15.71 -5.14 -6.32
C LEU C 37 16.92 -5.42 -5.41
N TYR C 38 18.10 -5.08 -5.88
CA TYR C 38 19.35 -5.35 -5.17
C TYR C 38 19.41 -4.57 -3.84
N PHE C 39 19.13 -3.28 -3.90
CA PHE C 39 19.02 -2.49 -2.68
C PHE C 39 18.11 -3.17 -1.65
N SER C 40 16.95 -3.64 -2.13
CA SER C 40 15.95 -4.24 -1.27
C SER C 40 16.55 -5.46 -0.56
N VAL C 41 17.22 -6.30 -1.34
CA VAL C 41 17.85 -7.55 -0.85
C VAL C 41 18.98 -7.28 0.15
N VAL C 42 19.92 -6.40 -0.21
CA VAL C 42 21.09 -6.14 0.66
C VAL C 42 20.73 -5.34 1.88
N THR C 43 19.61 -4.65 1.78
CA THR C 43 19.12 -3.89 2.93
C THR C 43 18.44 -4.81 3.95
N LEU C 44 17.52 -5.65 3.49
CA LEU C 44 16.74 -6.53 4.39
C LEU C 44 17.57 -7.64 5.01
N THR C 45 18.51 -8.20 4.23
CA THR C 45 19.50 -9.14 4.74
C THR C 45 20.63 -8.46 5.52
N THR C 46 20.58 -7.13 5.58
CA THR C 46 21.60 -6.32 6.31
C THR C 46 23.01 -6.26 5.74
N VAL C 47 23.34 -6.93 4.66
CA VAL C 47 24.63 -6.77 3.94
C VAL C 47 24.94 -5.31 3.75
N GLY C 48 23.90 -4.50 3.85
CA GLY C 48 23.85 -3.17 3.24
C GLY C 48 25.12 -2.52 2.77
N GLU C 49 25.51 -2.84 1.55
CA GLU C 49 26.69 -2.28 0.88
C GLU C 49 26.34 -1.35 -0.28
N THR C 50 25.51 -0.36 -0.01
CA THR C 50 25.11 0.59 -1.05
C THR C 50 25.05 1.94 -0.40
N PRO C 51 25.20 3.01 -1.18
CA PRO C 51 24.90 4.31 -0.52
C PRO C 51 23.45 4.31 -0.02
N PRO C 52 23.14 5.18 0.94
CA PRO C 52 21.78 5.23 1.47
C PRO C 52 20.81 5.88 0.48
N PRO C 53 19.50 5.74 0.73
CA PRO C 53 18.48 6.45 -0.04
C PRO C 53 18.72 7.96 -0.04
N GLN C 54 18.44 8.59 -1.18
CA GLN C 54 18.60 10.05 -1.34
C GLN C 54 17.36 10.89 -1.01
N THR C 55 16.19 10.28 -0.98
CA THR C 55 14.94 11.00 -0.71
C THR C 55 14.47 10.74 0.72
N ASP C 56 13.84 11.75 1.32
CA ASP C 56 13.31 11.62 2.68
C ASP C 56 12.25 10.54 2.72
N PHE C 57 11.47 10.47 1.65
CA PHE C 57 10.42 9.47 1.53
C PHE C 57 11.06 8.08 1.44
N GLY C 58 12.17 7.99 0.72
CA GLY C 58 12.98 6.76 0.65
C GLY C 58 13.50 6.36 2.01
N LYS C 59 13.98 7.36 2.75
CA LYS C 59 14.52 7.14 4.10
C LYS C 59 13.45 6.65 5.07
N ILE C 60 12.31 7.33 5.11
CA ILE C 60 11.19 6.89 5.95
C ILE C 60 10.73 5.48 5.57
N PHE C 61 10.36 5.29 4.31
CA PHE C 61 9.97 3.95 3.82
C PHE C 61 10.99 2.87 4.20
N THR C 62 12.27 3.11 3.88
CA THR C 62 13.33 2.13 4.16
C THR C 62 13.35 1.78 5.64
N ILE C 63 13.13 2.77 6.50
CA ILE C 63 13.04 2.51 7.94
C ILE C 63 11.93 1.50 8.29
N LEU C 64 10.70 1.78 7.83
CA LEU C 64 9.60 0.83 8.04
C LEU C 64 9.88 -0.51 7.36
N TYR C 65 10.41 -0.44 6.14
CA TYR C 65 10.76 -1.63 5.38
C TYR C 65 11.66 -2.56 6.17
N ILE C 66 12.73 -1.99 6.75
CA ILE C 66 13.72 -2.77 7.53
C ILE C 66 13.10 -3.52 8.71
N PHE C 67 12.25 -2.87 9.49
CA PHE C 67 11.62 -3.52 10.68
C PHE C 67 10.59 -4.59 10.33
N ILE C 68 9.79 -4.31 9.30
CA ILE C 68 8.76 -5.22 8.79
C ILE C 68 9.37 -6.39 8.01
N GLY C 69 10.42 -6.13 7.25
CA GLY C 69 10.99 -7.11 6.34
C GLY C 69 12.12 -8.03 6.84
N ILE C 70 12.98 -7.53 7.69
CA ILE C 70 14.12 -8.32 8.14
C ILE C 70 13.69 -9.68 8.72
N GLY C 71 12.70 -9.67 9.61
CA GLY C 71 12.17 -10.89 10.23
C GLY C 71 11.73 -11.94 9.22
N LEU C 72 11.00 -11.51 8.21
CA LEU C 72 10.52 -12.42 7.15
C LEU C 72 11.68 -13.02 6.41
N VAL C 73 12.55 -12.14 5.91
CA VAL C 73 13.72 -12.58 5.16
C VAL C 73 14.55 -13.61 5.93
N PHE C 74 14.85 -13.32 7.20
CA PHE C 74 15.69 -14.23 7.99
C PHE C 74 14.95 -15.51 8.34
N GLY C 75 13.64 -15.43 8.58
CA GLY C 75 12.81 -16.64 8.72
C GLY C 75 12.89 -17.53 7.49
N PHE C 76 12.90 -16.90 6.32
CA PHE C 76 13.05 -17.62 5.05
C PHE C 76 14.43 -18.25 4.93
N ILE C 77 15.47 -17.44 5.08
CA ILE C 77 16.85 -17.91 5.09
C ILE C 77 17.05 -19.02 6.13
N HIS C 78 16.41 -18.87 7.28
CA HIS C 78 16.48 -19.87 8.35
C HIS C 78 15.85 -21.19 7.91
N LYS C 79 14.64 -21.12 7.36
CA LYS C 79 13.93 -22.31 6.89
C LYS C 79 14.62 -22.95 5.68
N LEU C 80 15.03 -22.11 4.74
CA LEU C 80 15.84 -22.54 3.58
C LEU C 80 17.02 -23.39 4.03
N ALA C 81 17.73 -22.85 5.01
CA ALA C 81 18.96 -23.46 5.52
C ALA C 81 18.65 -24.75 6.26
N VAL C 82 17.71 -24.66 7.20
CA VAL C 82 17.40 -25.77 8.11
C VAL C 82 16.60 -26.92 7.48
N ASN C 83 15.90 -26.63 6.39
CA ASN C 83 14.94 -27.57 5.83
C ASN C 83 15.18 -27.90 4.36
N VAL C 84 15.99 -27.10 3.68
CA VAL C 84 16.36 -27.36 2.30
C VAL C 84 17.85 -27.64 2.15
N GLN C 85 18.70 -26.76 2.68
CA GLN C 85 20.15 -26.93 2.47
C GLN C 85 20.76 -28.04 3.29
N LEU C 86 20.37 -28.13 4.55
CA LEU C 86 20.92 -29.13 5.48
C LEU C 86 20.71 -30.55 4.96
N PRO C 87 19.46 -30.94 4.71
CA PRO C 87 19.20 -32.26 4.12
C PRO C 87 19.94 -32.46 2.79
N LEU D 10 8.53 -3.45 24.54
CA LEU D 10 9.54 -3.55 23.44
C LEU D 10 9.43 -2.38 22.49
N PHE D 11 8.23 -2.11 21.99
CA PHE D 11 8.01 -1.00 21.08
C PHE D 11 8.40 0.34 21.70
N VAL D 12 8.07 0.56 22.98
CA VAL D 12 8.41 1.83 23.68
C VAL D 12 9.92 1.95 23.92
N LEU D 13 10.53 0.85 24.36
CA LEU D 13 11.99 0.81 24.54
C LEU D 13 12.72 1.15 23.25
N THR D 14 12.23 0.64 22.13
CA THR D 14 12.80 0.93 20.81
C THR D 14 12.65 2.41 20.50
N ILE D 15 11.41 2.88 20.53
CA ILE D 15 11.14 4.29 20.25
C ILE D 15 12.08 5.16 21.07
N LEU D 16 12.22 4.85 22.36
CA LEU D 16 13.11 5.63 23.22
C LEU D 16 14.52 5.65 22.66
N THR D 17 15.04 4.44 22.40
CA THR D 17 16.40 4.25 21.94
C THR D 17 16.63 5.06 20.68
N LEU D 18 15.68 4.97 19.75
CA LEU D 18 15.77 5.71 18.49
C LEU D 18 15.73 7.20 18.67
N ILE D 19 14.85 7.68 19.56
CA ILE D 19 14.74 9.11 19.86
C ILE D 19 16.04 9.62 20.44
N SER D 20 16.61 8.87 21.39
CA SER D 20 17.91 9.25 21.93
C SER D 20 18.98 9.35 20.83
N GLY D 21 19.02 8.36 19.96
CA GLY D 21 19.94 8.39 18.81
C GLY D 21 19.67 9.59 17.91
N THR D 22 18.40 9.81 17.62
CA THR D 22 18.01 10.93 16.77
C THR D 22 18.48 12.25 17.31
N ILE D 23 18.23 12.46 18.59
CA ILE D 23 18.65 13.68 19.24
C ILE D 23 20.15 13.77 19.16
N PHE D 24 20.84 12.71 19.57
CA PHE D 24 22.32 12.75 19.60
C PHE D 24 22.90 13.07 18.24
N TYR D 25 22.58 12.26 17.23
CA TYR D 25 23.26 12.43 15.92
C TYR D 25 22.88 13.76 15.28
N SER D 26 21.64 14.17 15.49
CA SER D 26 21.17 15.49 15.03
C SER D 26 21.97 16.62 15.67
N THR D 27 22.12 16.57 16.99
CA THR D 27 22.92 17.57 17.71
C THR D 27 24.43 17.49 17.38
N VAL D 28 25.06 16.37 17.72
CA VAL D 28 26.54 16.25 17.64
C VAL D 28 27.12 16.11 16.23
N GLU D 29 26.49 15.29 15.38
CA GLU D 29 26.94 15.12 13.99
C GLU D 29 26.31 16.15 13.04
N GLY D 30 25.47 17.03 13.58
CA GLY D 30 24.83 18.10 12.77
C GLY D 30 23.88 17.57 11.71
N LEU D 31 23.29 16.41 11.96
CA LEU D 31 22.43 15.79 10.97
C LEU D 31 21.00 16.32 11.13
N ARG D 32 20.31 16.45 10.00
CA ARG D 32 18.88 16.71 10.00
C ARG D 32 18.26 15.56 10.77
N PRO D 33 17.19 15.85 11.55
CA PRO D 33 16.60 14.77 12.33
C PRO D 33 16.25 13.52 11.54
N ILE D 34 15.74 13.68 10.32
CA ILE D 34 15.36 12.49 9.53
C ILE D 34 16.60 11.64 9.18
N ASP D 35 17.71 12.32 8.92
CA ASP D 35 19.01 11.66 8.69
C ASP D 35 19.62 11.09 9.95
N ALA D 36 19.39 11.76 11.08
CA ALA D 36 19.81 11.26 12.37
C ALA D 36 19.05 10.01 12.75
N LEU D 37 17.73 10.08 12.65
CA LEU D 37 16.87 8.90 12.89
C LEU D 37 17.29 7.68 12.02
N TYR D 38 17.54 7.95 10.74
CA TYR D 38 17.88 6.89 9.79
C TYR D 38 19.21 6.21 10.16
N PHE D 39 20.24 7.02 10.39
CA PHE D 39 21.50 6.47 10.88
C PHE D 39 21.29 5.55 12.07
N SER D 40 20.46 5.99 13.02
CA SER D 40 20.21 5.24 14.24
C SER D 40 19.63 3.89 13.91
N VAL D 41 18.66 3.89 13.03
CA VAL D 41 17.95 2.65 12.59
C VAL D 41 18.87 1.67 11.85
N VAL D 42 19.58 2.17 10.82
CA VAL D 42 20.41 1.28 9.99
C VAL D 42 21.64 0.82 10.73
N THR D 43 22.00 1.57 11.76
CA THR D 43 23.14 1.19 12.58
C THR D 43 22.79 0.08 13.56
N LEU D 44 21.71 0.27 14.30
CA LEU D 44 21.27 -0.73 15.30
C LEU D 44 20.81 -2.04 14.69
N THR D 45 20.09 -1.95 13.58
CA THR D 45 19.66 -3.12 12.80
C THR D 45 20.77 -3.67 11.95
N THR D 46 21.92 -2.99 11.98
CA THR D 46 23.15 -3.39 11.29
C THR D 46 23.17 -3.33 9.78
N VAL D 47 22.10 -2.90 9.13
CA VAL D 47 22.07 -2.60 7.68
C VAL D 47 23.26 -1.73 7.32
N GLY D 48 23.81 -1.10 8.33
CA GLY D 48 24.65 0.08 8.20
C GLY D 48 25.24 0.45 6.87
N GLU D 49 24.46 1.16 6.08
CA GLU D 49 24.87 1.61 4.75
C GLU D 49 25.01 3.14 4.65
N THR D 50 25.72 3.71 5.59
CA THR D 50 25.91 5.16 5.63
C THR D 50 27.37 5.36 5.86
N PRO D 51 27.94 6.50 5.46
CA PRO D 51 29.30 6.74 5.94
C PRO D 51 29.35 6.71 7.45
N PRO D 52 30.50 6.45 8.01
CA PRO D 52 30.58 6.45 9.49
C PRO D 52 30.48 7.86 10.09
N PRO D 53 30.27 7.94 11.42
CA PRO D 53 30.27 9.22 12.13
C PRO D 53 31.59 9.94 11.91
N GLN D 54 31.51 11.27 11.79
CA GLN D 54 32.70 12.10 11.56
C GLN D 54 33.41 12.58 12.82
N THR D 55 32.71 12.56 13.95
CA THR D 55 33.26 13.06 15.22
C THR D 55 33.74 11.89 16.08
N ASP D 56 34.80 12.10 16.88
CA ASP D 56 35.26 11.07 17.85
C ASP D 56 34.18 10.81 18.86
N PHE D 57 33.47 11.86 19.26
CA PHE D 57 32.37 11.72 20.22
C PHE D 57 31.24 10.90 19.62
N GLY D 58 30.99 11.12 18.34
CA GLY D 58 30.03 10.30 17.58
C GLY D 58 30.46 8.85 17.51
N LYS D 59 31.76 8.67 17.29
CA LYS D 59 32.33 7.29 17.20
C LYS D 59 32.23 6.55 18.51
N ILE D 60 32.63 7.19 19.60
CA ILE D 60 32.53 6.56 20.93
C ILE D 60 31.07 6.27 21.25
N PHE D 61 30.22 7.29 21.21
CA PHE D 61 28.78 7.07 21.43
C PHE D 61 28.20 5.94 20.60
N THR D 62 28.45 5.97 19.29
CA THR D 62 27.95 4.93 18.38
C THR D 62 28.39 3.55 18.81
N ILE D 63 29.62 3.42 19.29
CA ILE D 63 30.11 2.14 19.83
C ILE D 63 29.27 1.65 21.00
N LEU D 64 29.10 2.49 22.01
CA LEU D 64 28.21 2.13 23.14
C LEU D 64 26.77 1.91 22.68
N TYR D 65 26.29 2.79 21.82
CA TYR D 65 24.94 2.68 21.24
C TYR D 65 24.69 1.30 20.63
N ILE D 66 25.63 0.84 19.79
CA ILE D 66 25.51 -0.47 19.11
C ILE D 66 25.36 -1.64 20.09
N PHE D 67 26.18 -1.69 21.14
CA PHE D 67 26.13 -2.82 22.11
C PHE D 67 24.90 -2.81 23.00
N ILE D 68 24.52 -1.61 23.42
CA ILE D 68 23.33 -1.39 24.26
C ILE D 68 22.03 -1.56 23.46
N GLY D 69 22.03 -1.09 22.21
CA GLY D 69 20.81 -1.03 21.39
C GLY D 69 20.46 -2.24 20.52
N ILE D 70 21.45 -2.93 19.97
CA ILE D 70 21.19 -3.99 19.00
C ILE D 70 20.25 -5.04 19.60
N GLY D 71 20.54 -5.50 20.81
CA GLY D 71 19.68 -6.48 21.52
C GLY D 71 18.22 -6.07 21.60
N LEU D 72 17.97 -4.82 21.99
CA LEU D 72 16.60 -4.31 22.10
C LEU D 72 15.91 -4.31 20.75
N VAL D 73 16.54 -3.69 19.76
CA VAL D 73 15.99 -3.61 18.40
C VAL D 73 15.62 -5.00 17.87
N PHE D 74 16.52 -5.97 18.00
CA PHE D 74 16.28 -7.30 17.46
C PHE D 74 15.22 -8.06 18.26
N GLY D 75 15.19 -7.85 19.57
CA GLY D 75 14.11 -8.37 20.41
C GLY D 75 12.76 -7.88 19.92
N PHE D 76 12.71 -6.61 19.55
CA PHE D 76 11.50 -5.97 19.03
C PHE D 76 11.10 -6.58 17.70
N ILE D 77 12.05 -6.56 16.76
CA ILE D 77 11.87 -7.19 15.43
C ILE D 77 11.47 -8.66 15.58
N HIS D 78 12.08 -9.34 16.54
CA HIS D 78 11.76 -10.75 16.80
C HIS D 78 10.32 -10.92 17.26
N LYS D 79 9.92 -10.11 18.23
CA LYS D 79 8.56 -10.18 18.78
C LYS D 79 7.52 -9.71 17.76
N LEU D 80 7.83 -8.62 17.06
CA LEU D 80 7.01 -8.11 15.95
C LEU D 80 6.71 -9.24 14.95
N ALA D 81 7.77 -9.94 14.58
CA ALA D 81 7.69 -10.99 13.59
C ALA D 81 6.91 -12.20 14.11
N VAL D 82 7.32 -12.66 15.29
CA VAL D 82 6.81 -13.91 15.89
C VAL D 82 5.45 -13.78 16.58
N ASN D 83 5.00 -12.56 16.82
CA ASN D 83 3.78 -12.32 17.60
C ASN D 83 2.86 -11.24 17.03
N VAL D 84 3.21 -10.66 15.89
CA VAL D 84 2.24 -9.88 15.12
C VAL D 84 1.99 -10.34 13.68
N GLN D 85 3.03 -10.35 12.86
CA GLN D 85 2.80 -10.62 11.44
C GLN D 85 2.73 -12.12 11.06
N LEU D 86 3.44 -12.98 11.80
CA LEU D 86 3.32 -14.42 11.63
C LEU D 86 1.88 -14.93 11.79
N PRO D 87 1.23 -14.63 12.94
CA PRO D 87 -0.18 -15.03 13.09
C PRO D 87 -1.16 -14.46 12.06
N SER D 88 -0.89 -13.26 11.54
CA SER D 88 -1.80 -12.64 10.57
C SER D 88 -1.63 -13.38 9.25
N ILE D 89 -0.38 -13.62 8.88
CA ILE D 89 -0.03 -14.41 7.70
C ILE D 89 -0.55 -15.84 7.77
N LEU D 90 -0.29 -16.49 8.90
CA LEU D 90 -0.49 -17.92 9.04
C LEU D 90 -1.97 -18.24 9.13
N SER D 91 -2.60 -17.71 10.17
CA SER D 91 -4.02 -17.95 10.43
C SER D 91 -4.88 -17.26 9.37
C1 3P8 E . -20.93 4.89 0.14
N1 3P8 E . -21.51 3.91 0.86
N GLY F . -26.83 5.34 -27.41
CA GLY F . -27.75 4.44 -26.65
C GLY F . -29.21 4.85 -26.74
O GLY F . -29.51 6.04 -26.90
OXT GLY F . -30.12 4.01 -26.64
N GLY G . -15.74 -10.38 -19.90
CA GLY G . -16.70 -10.54 -18.77
C GLY G . -16.07 -11.07 -17.49
O GLY G . -14.87 -10.95 -17.26
OXT GLY G . -16.76 -11.65 -16.65
N GLY H . -26.10 14.79 -27.46
CA GLY H . -25.36 13.51 -27.60
C GLY H . -26.17 12.29 -28.01
O GLY H . -27.17 11.92 -27.37
OXT GLY H . -25.82 11.62 -28.99
N GLY I . -13.55 -5.49 -16.04
CA GLY I . -12.06 -5.40 -15.79
C GLY I . -11.59 -6.09 -14.52
O GLY I . -11.55 -5.51 -13.43
OXT GLY I . -11.24 -7.28 -14.53
N GLY J . -32.38 -11.45 -13.80
CA GLY J . -33.41 -12.10 -12.94
C GLY J . -33.90 -13.43 -13.50
O GLY J . -33.10 -14.27 -13.96
OXT GLY J . -35.10 -13.72 -13.47
N GLY K . -28.26 -2.29 -23.74
CA GLY K . -27.58 -3.56 -23.35
C GLY K . -28.46 -4.54 -22.56
O GLY K . -28.66 -4.41 -21.34
OXT GLY K . -29.00 -5.50 -23.14
N GLY L . -9.84 -9.25 -13.51
CA GLY L . -9.05 -10.51 -13.72
C GLY L . -9.54 -11.64 -12.85
O GLY L . -9.56 -11.54 -11.61
OXT GLY L . -9.90 -12.71 -13.36
N GLY M . -35.16 -10.63 -19.49
CA GLY M . -34.50 -10.79 -18.17
C GLY M . -33.57 -11.97 -18.14
O GLY M . -32.34 -11.83 -18.02
OXT GLY M . -34.01 -13.11 -18.21
N GLY N . 6.24 -0.76 4.29
CA GLY N . 5.73 0.65 4.28
C GLY N . 4.22 0.81 4.03
O GLY N . 3.57 1.64 4.67
OXT GLY N . 3.64 0.12 3.17
N GLY O . -2.05 -8.71 1.62
CA GLY O . -1.78 -9.80 0.63
C GLY O . -3.06 -10.38 0.10
O GLY O . -3.75 -11.11 0.81
OXT GLY O . -3.45 -10.11 -1.04
N GLY P . 2.93 1.32 8.35
CA GLY P . 2.21 0.18 8.99
C GLY P . 1.49 0.62 10.25
O GLY P . 2.15 1.13 11.18
OXT GLY P . 0.26 0.51 10.39
N GLY Q . -9.49 14.01 -7.19
CA GLY Q . -9.27 13.99 -5.72
C GLY Q . -9.28 15.35 -5.05
O GLY Q . -8.28 16.09 -5.08
OXT GLY Q . -10.30 15.76 -4.46
N GLY R . -12.83 10.52 -12.60
CA GLY R . -12.31 11.12 -11.33
C GLY R . -13.16 10.82 -10.10
O GLY R . -13.17 11.60 -9.12
OXT GLY R . -13.84 9.80 -10.00
N GLY S . 1.62 15.78 -16.18
CA GLY S . 2.88 16.33 -16.76
C GLY S . 2.64 17.53 -17.66
O GLY S . 2.00 18.52 -17.29
OXT GLY S . 3.12 17.52 -18.79
N GLY T . -4.72 -6.36 -5.60
CA GLY T . -3.95 -7.10 -4.56
C GLY T . -4.52 -8.48 -4.34
O GLY T . -4.72 -8.90 -3.20
OXT GLY T . -4.80 -9.22 -5.28
N GLY U . -4.13 -1.02 -7.42
CA GLY U . -3.49 -2.37 -7.22
C GLY U . -3.97 -3.11 -5.97
O GLY U . -3.39 -4.14 -5.60
OXT GLY U . -4.94 -2.72 -5.30
N GLY V . -3.49 15.33 -6.45
CA GLY V . -2.46 15.16 -5.40
C GLY V . -3.06 14.51 -4.18
O GLY V . -2.87 14.95 -3.04
OXT GLY V . -3.78 13.54 -4.31
C1 MPD W . -6.99 15.68 11.54
C2 MPD W . -8.14 15.34 10.61
O2 MPD W . -7.97 16.08 9.39
CM MPD W . -8.07 13.88 10.24
C3 MPD W . -9.51 15.68 11.22
C4 MPD W . -9.93 14.83 12.46
O4 MPD W . -10.54 15.62 13.50
C5 MPD W . -10.93 13.73 12.12
C1 MPD X . -1.30 8.20 13.12
C2 MPD X . -1.75 6.74 13.09
O2 MPD X . -0.59 5.90 13.16
CM MPD X . -2.65 6.45 14.29
C3 MPD X . -2.53 6.33 11.81
C4 MPD X . -1.98 6.88 10.49
O4 MPD X . -0.91 6.05 10.01
C5 MPD X . -3.07 7.00 9.42
C1 3P8 Y . 25.83 -4.84 7.67
N1 3P8 Y . 26.39 -3.80 6.82
N GLY Z . 14.69 -7.31 -13.63
CA GLY Z . 14.88 -7.90 -12.28
C GLY Z . 13.53 -8.17 -11.65
O GLY Z . 13.23 -7.73 -10.54
OXT GLY Z . 12.71 -8.82 -12.28
N GLY AA . 10.41 -12.67 -9.26
CA GLY AA . 11.69 -11.88 -9.11
C GLY AA . 11.74 -10.94 -7.91
O GLY AA . 11.82 -11.34 -6.74
OXT GLY AA . 11.71 -9.72 -8.09
N GLY BA . 14.49 -13.26 -4.44
CA GLY BA . 15.13 -14.52 -4.92
C GLY BA . 15.14 -15.56 -3.83
O GLY BA . 16.10 -16.33 -3.66
OXT GLY BA . 14.17 -15.65 -3.05
N GLY CA . 21.60 6.59 -4.45
CA GLY CA . 20.45 5.96 -3.72
C GLY CA . 20.69 4.47 -3.46
O GLY CA . 20.40 3.99 -2.37
OXT GLY CA . 21.17 3.75 -4.33
N GLY DA . 7.55 6.50 11.81
CA GLY DA . 6.70 5.58 12.63
C GLY DA . 5.20 5.70 12.38
O GLY DA . 4.38 5.55 13.29
OXT GLY DA . 4.74 5.94 11.25
N GLY EA . 6.23 -22.70 7.18
CA GLY EA . 5.02 -21.90 7.54
C GLY EA . 3.80 -22.56 6.93
O GLY EA . 3.45 -23.73 7.26
OXT GLY EA . 3.17 -21.93 6.05
C1 MPD FA . 25.36 -35.33 5.47
C2 MPD FA . 24.54 -34.78 4.33
O2 MPD FA . 23.25 -34.47 4.95
CM MPD FA . 25.18 -33.55 3.66
C3 MPD FA . 24.50 -35.77 3.15
C4 MPD FA . 23.91 -37.15 3.37
O4 MPD FA . 22.50 -37.08 3.68
C5 MPD FA . 24.12 -37.93 2.07
N GLY GA . 28.01 12.03 6.88
CA GLY GA . 28.21 12.07 8.37
C GLY GA . 27.58 10.94 9.19
O GLY GA . 27.86 10.78 10.37
OXT GLY GA . 26.76 10.12 8.77
N GLY HA . 23.61 5.78 25.37
CA GLY HA . 24.81 5.47 26.23
C GLY HA . 25.15 6.53 27.29
O GLY HA . 26.21 6.45 27.95
OXT GLY HA . 24.37 7.48 27.54
N GLY IA . 25.51 9.55 7.27
CA GLY IA . 24.34 10.47 7.17
C GLY IA . 23.29 9.83 6.30
O GLY IA . 22.16 9.58 6.75
OXT GLY IA . 23.58 9.52 5.14
N GLY JA . 37.19 14.45 16.78
CA GLY JA . 38.10 13.96 15.69
C GLY JA . 39.52 14.45 15.85
O GLY JA . 39.99 14.78 16.97
OXT GLY JA . 40.23 14.53 14.81
N GLY KA . 5.57 -5.24 23.68
CA GLY KA . 5.74 -3.86 23.08
C GLY KA . 4.90 -2.76 23.71
O GLY KA . 5.42 -1.87 24.45
OXT GLY KA . 3.69 -2.73 23.45
C1 MPD LA . -1.90 -5.22 26.25
C2 MPD LA . -0.99 -6.46 26.27
O2 MPD LA . 0.09 -6.21 27.18
CM MPD LA . -1.77 -7.67 26.76
C3 MPD LA . -0.41 -6.72 24.88
C4 MPD LA . 0.90 -5.97 24.55
O4 MPD LA . 2.04 -6.83 24.65
C5 MPD LA . 0.85 -5.38 23.15
#